data_4YVI
#
_entry.id   4YVI
#
_cell.length_a   86.770
_cell.length_b   86.770
_cell.length_c   227.010
_cell.angle_alpha   90.00
_cell.angle_beta   90.00
_cell.angle_gamma   90.00
#
_symmetry.space_group_name_H-M   'P 41 21 2'
#
loop_
_entity.id
_entity.type
_entity.pdbx_description
1 polymer 'tRNA (guanine-N(1)-)-methyltransferase'
2 polymer tRNA
3 non-polymer SINEFUNGIN
#
loop_
_entity_poly.entity_id
_entity_poly.type
_entity_poly.pdbx_seq_one_letter_code
_entity_poly.pdbx_strand_id
1 'polypeptide(L)'
;MGSSHHHHHHSSGLVPRGSHMWIGVISLFPEMFKAITEFGVTGRAVKHNLLKVECWNPRDFTFDKHKTVDDRPYGGGPGM
LMMVQPLRDAIHTAKAAAGEGAKVIYLSPQGRKLDQGGVTELAQNQKLILVCGRYEGIDERLIQTEIDEEWSIGDYVLTG
GELPAMTLIDAVARFIPGVLGKQASAEEDSFADGLLDCPHYTRPEVLEGLTVPPVLMSGHHEEIRKWRLKQSLQRTWLRR
PELLEGLALTDEQRKLLKEAQAEHNS
;
A,B
2 'polyribonucleotide' UGGGAGGUCGUCUAACGGUAGGACGGCGGACUCUGGAUCCGCUGGUGGAGGUUCGAGUCCUCCCCUCCCAGCCA C
#
loop_
_chem_comp.id
_chem_comp.type
_chem_comp.name
_chem_comp.formula
A RNA linking ADENOSINE-5'-MONOPHOSPHATE 'C10 H14 N5 O7 P'
C RNA linking CYTIDINE-5'-MONOPHOSPHATE 'C9 H14 N3 O8 P'
G RNA linking GUANOSINE-5'-MONOPHOSPHATE 'C10 H14 N5 O8 P'
SFG non-polymer SINEFUNGIN 'C15 H23 N7 O5'
U RNA linking URIDINE-5'-MONOPHOSPHATE 'C9 H13 N2 O9 P'
#
# COMPACT_ATOMS: atom_id res chain seq x y z
N HIS A 20 6.47 -4.14 24.01
CA HIS A 20 6.24 -4.59 22.63
C HIS A 20 4.84 -4.21 22.10
N MET A 21 4.38 -4.92 21.07
CA MET A 21 3.08 -4.62 20.44
C MET A 21 2.19 -5.84 20.10
N TRP A 22 0.89 -5.66 20.28
CA TRP A 22 -0.11 -6.68 19.96
C TRP A 22 -1.09 -6.15 18.90
N ILE A 23 -1.28 -6.93 17.84
CA ILE A 23 -2.19 -6.57 16.76
C ILE A 23 -3.28 -7.59 16.43
N GLY A 24 -4.52 -7.16 16.55
CA GLY A 24 -5.64 -7.99 16.18
C GLY A 24 -6.07 -7.63 14.78
N VAL A 25 -6.40 -8.67 14.00
CA VAL A 25 -6.81 -8.48 12.62
C VAL A 25 -8.14 -9.20 12.41
N ILE A 26 -9.09 -8.56 11.75
CA ILE A 26 -10.34 -9.23 11.41
C ILE A 26 -10.25 -9.31 9.89
N SER A 27 -10.24 -10.52 9.36
CA SER A 27 -10.05 -10.71 7.93
C SER A 27 -10.59 -12.05 7.49
N LEU A 28 -11.17 -12.07 6.29
CA LEU A 28 -11.64 -13.30 5.69
C LEU A 28 -10.52 -14.23 5.21
N PHE A 29 -9.30 -13.73 5.15
CA PHE A 29 -8.18 -14.52 4.66
C PHE A 29 -7.03 -14.39 5.62
N PRO A 30 -7.21 -14.83 6.87
CA PRO A 30 -6.13 -14.70 7.86
C PRO A 30 -4.79 -15.29 7.42
N GLU A 31 -4.80 -16.34 6.60
CA GLU A 31 -3.53 -16.92 6.18
C GLU A 31 -2.70 -15.97 5.34
N MET A 32 -3.33 -14.96 4.74
CA MET A 32 -2.54 -13.99 3.99
C MET A 32 -1.54 -13.35 4.93
N PHE A 33 -1.92 -13.24 6.21
CA PHE A 33 -1.05 -12.58 7.17
C PHE A 33 0.24 -13.32 7.50
N LYS A 34 0.32 -14.58 7.08
CA LYS A 34 1.57 -15.32 7.21
C LYS A 34 2.65 -14.57 6.42
N ALA A 35 2.24 -13.81 5.40
CA ALA A 35 3.19 -13.07 4.57
C ALA A 35 4.05 -12.18 5.44
N ILE A 36 3.50 -11.64 6.52
CA ILE A 36 4.37 -10.85 7.40
C ILE A 36 4.80 -11.60 8.67
N THR A 37 3.98 -12.55 9.13
CA THR A 37 4.34 -13.25 10.37
C THR A 37 5.29 -14.41 10.20
N GLU A 38 5.91 -14.52 9.03
CA GLU A 38 6.81 -15.65 8.81
C GLU A 38 7.97 -15.34 7.90
N PHE A 39 8.31 -14.06 7.75
CA PHE A 39 9.35 -13.66 6.82
C PHE A 39 9.93 -12.32 7.21
N GLY A 40 11.22 -12.17 6.96
CA GLY A 40 11.90 -10.92 7.21
C GLY A 40 11.88 -10.42 8.65
N VAL A 41 12.05 -9.11 8.75
CA VAL A 41 12.09 -8.41 10.03
C VAL A 41 10.89 -8.72 10.90
N THR A 42 9.71 -8.68 10.30
CA THR A 42 8.48 -8.91 11.02
C THR A 42 8.35 -10.38 11.46
N GLY A 43 8.85 -11.29 10.64
CA GLY A 43 8.80 -12.70 10.99
C GLY A 43 9.65 -12.93 12.21
N ARG A 44 10.84 -12.29 12.23
CA ARG A 44 11.77 -12.45 13.36
C ARG A 44 11.19 -11.81 14.61
N ALA A 45 10.50 -10.69 14.43
CA ALA A 45 9.84 -9.97 15.52
C ALA A 45 8.78 -10.86 16.14
N VAL A 46 8.10 -11.63 15.31
CA VAL A 46 7.07 -12.55 15.80
C VAL A 46 7.75 -13.66 16.58
N LYS A 47 8.82 -14.21 16.02
CA LYS A 47 9.53 -15.28 16.71
C LYS A 47 10.08 -14.90 18.08
N HIS A 48 10.47 -13.65 18.24
CA HIS A 48 11.03 -13.22 19.51
C HIS A 48 9.97 -12.69 20.46
N ASN A 49 8.71 -12.86 20.10
CA ASN A 49 7.60 -12.42 20.95
C ASN A 49 7.58 -10.92 21.17
N LEU A 50 8.21 -10.20 20.26
CA LEU A 50 8.24 -8.73 20.31
C LEU A 50 6.95 -8.26 19.67
N LEU A 51 6.45 -9.02 18.71
CA LEU A 51 5.22 -8.68 18.03
C LEU A 51 4.28 -9.87 18.06
N LYS A 52 3.03 -9.63 18.45
CA LYS A 52 2.08 -10.74 18.42
C LYS A 52 0.94 -10.32 17.50
N VAL A 53 0.57 -11.20 16.56
CA VAL A 53 -0.52 -10.93 15.62
C VAL A 53 -1.56 -12.04 15.71
N GLU A 54 -2.80 -11.66 16.00
CA GLU A 54 -3.87 -12.64 16.13
C GLU A 54 -4.94 -12.31 15.12
N CYS A 55 -5.50 -13.32 14.47
CA CYS A 55 -6.50 -13.06 13.44
C CYS A 55 -7.80 -13.72 13.82
N TRP A 56 -8.89 -13.06 13.44
CA TRP A 56 -10.24 -13.58 13.62
C TRP A 56 -10.91 -13.48 12.28
N ASN A 57 -11.62 -14.54 11.90
CA ASN A 57 -12.28 -14.61 10.60
C ASN A 57 -13.79 -14.58 10.80
N PRO A 58 -14.46 -13.56 10.22
CA PRO A 58 -15.93 -13.42 10.31
C PRO A 58 -16.66 -14.72 9.93
N ARG A 59 -16.08 -15.54 9.06
CA ARG A 59 -16.70 -16.79 8.66
C ARG A 59 -16.95 -17.73 9.84
N ASP A 60 -16.09 -17.66 10.83
CA ASP A 60 -16.20 -18.50 12.01
C ASP A 60 -17.36 -18.04 12.88
N PHE A 61 -17.91 -16.89 12.52
CA PHE A 61 -19.03 -16.31 13.26
C PHE A 61 -20.35 -16.44 12.53
N THR A 62 -20.38 -17.24 11.47
CA THR A 62 -21.63 -17.46 10.73
C THR A 62 -22.39 -18.59 11.43
N PHE A 63 -23.68 -18.69 11.18
CA PHE A 63 -24.46 -19.73 11.82
C PHE A 63 -25.22 -20.57 10.81
N ASP A 64 -24.76 -20.55 9.57
CA ASP A 64 -25.41 -21.34 8.53
C ASP A 64 -24.40 -22.21 7.76
N LYS A 65 -24.94 -23.21 7.08
CA LYS A 65 -24.16 -24.19 6.32
C LYS A 65 -23.16 -23.57 5.33
N HIS A 66 -23.55 -22.49 4.65
CA HIS A 66 -22.67 -21.88 3.66
C HIS A 66 -21.84 -20.73 4.21
N LYS A 67 -21.88 -20.56 5.54
CA LYS A 67 -21.05 -19.59 6.23
C LYS A 67 -21.15 -18.24 5.55
N THR A 68 -22.37 -17.72 5.39
CA THR A 68 -22.52 -16.45 4.70
C THR A 68 -22.03 -15.23 5.47
N VAL A 69 -21.12 -14.47 4.87
CA VAL A 69 -20.55 -13.27 5.49
C VAL A 69 -20.85 -12.02 4.67
N ASP A 70 -21.57 -12.20 3.56
CA ASP A 70 -21.95 -11.07 2.73
C ASP A 70 -23.21 -11.27 1.93
N ASP A 71 -23.64 -10.19 1.30
CA ASP A 71 -24.85 -10.21 0.52
C ASP A 71 -24.81 -9.04 -0.42
N ARG A 72 -25.89 -8.88 -1.13
CA ARG A 72 -26.07 -7.84 -2.12
C ARG A 72 -26.43 -6.54 -1.43
N PRO A 73 -25.94 -5.43 -1.99
CA PRO A 73 -26.25 -4.13 -1.41
C PRO A 73 -27.70 -3.78 -1.85
N TYR A 74 -28.45 -3.16 -0.93
CA TYR A 74 -29.80 -2.75 -1.20
C TYR A 74 -29.82 -1.68 -2.23
N GLY A 75 -30.86 -1.73 -3.05
CA GLY A 75 -31.08 -0.79 -4.12
C GLY A 75 -30.64 -1.47 -5.39
N GLY A 76 -30.12 -2.68 -5.23
CA GLY A 76 -29.66 -3.49 -6.34
C GLY A 76 -28.38 -3.03 -6.98
N GLY A 77 -28.14 -3.42 -8.22
CA GLY A 77 -26.92 -3.04 -8.89
C GLY A 77 -25.94 -4.16 -8.60
N PRO A 78 -24.76 -4.14 -9.24
CA PRO A 78 -23.79 -5.21 -9.00
C PRO A 78 -22.98 -5.10 -7.70
N GLY A 79 -22.27 -6.16 -7.34
CA GLY A 79 -21.40 -6.19 -6.17
C GLY A 79 -21.92 -6.91 -4.93
N MET A 80 -21.04 -7.13 -3.96
CA MET A 80 -21.38 -7.77 -2.67
C MET A 80 -20.80 -6.90 -1.56
N LEU A 81 -21.54 -6.76 -0.46
CA LEU A 81 -21.12 -5.99 0.73
C LEU A 81 -20.99 -6.93 1.88
N MET A 82 -19.96 -6.78 2.70
CA MET A 82 -19.95 -7.63 3.86
C MET A 82 -21.03 -7.29 4.88
N MET A 83 -21.62 -8.36 5.39
CA MET A 83 -22.65 -8.37 6.42
C MET A 83 -22.14 -7.92 7.76
N VAL A 84 -22.95 -7.12 8.43
CA VAL A 84 -22.59 -6.54 9.72
C VAL A 84 -22.30 -7.53 10.84
N GLN A 85 -23.21 -8.46 11.08
CA GLN A 85 -23.11 -9.38 12.23
C GLN A 85 -21.83 -10.22 12.39
N PRO A 86 -21.35 -10.90 11.33
CA PRO A 86 -20.13 -11.68 11.55
C PRO A 86 -18.98 -10.75 11.92
N LEU A 87 -18.90 -9.60 11.26
CA LEU A 87 -17.82 -8.65 11.55
C LEU A 87 -17.97 -8.10 12.95
N ARG A 88 -19.19 -7.72 13.35
CA ARG A 88 -19.41 -7.19 14.68
C ARG A 88 -19.05 -8.18 15.76
N ASP A 89 -19.47 -9.40 15.57
CA ASP A 89 -19.19 -10.45 16.51
C ASP A 89 -17.73 -10.77 16.58
N ALA A 90 -17.07 -10.75 15.43
CA ALA A 90 -15.64 -10.97 15.37
C ALA A 90 -14.91 -9.83 16.10
N ILE A 91 -15.32 -8.59 15.86
CA ILE A 91 -14.71 -7.44 16.50
C ILE A 91 -14.88 -7.50 18.01
N HIS A 92 -16.08 -7.84 18.49
CA HIS A 92 -16.29 -7.92 19.93
C HIS A 92 -15.45 -9.02 20.51
N THR A 93 -15.27 -10.11 19.76
CA THR A 93 -14.47 -11.18 20.29
C THR A 93 -13.03 -10.74 20.42
N ALA A 94 -12.55 -10.02 19.41
CA ALA A 94 -11.18 -9.51 19.42
C ALA A 94 -10.96 -8.47 20.53
N LYS A 95 -11.93 -7.58 20.70
CA LYS A 95 -11.90 -6.50 21.68
C LYS A 95 -11.87 -7.13 23.06
N ALA A 96 -12.62 -8.22 23.19
CA ALA A 96 -12.69 -8.94 24.44
C ALA A 96 -11.31 -9.54 24.74
N ALA A 97 -10.86 -10.45 23.87
CA ALA A 97 -9.54 -11.07 24.05
C ALA A 97 -8.37 -10.08 23.82
N ALA A 98 -8.66 -8.78 23.84
CA ALA A 98 -7.64 -7.76 23.60
C ALA A 98 -7.32 -6.98 24.87
N GLY A 99 -8.30 -6.88 25.76
CA GLY A 99 -8.14 -6.15 27.00
C GLY A 99 -8.66 -4.73 27.03
N GLU A 100 -8.06 -3.94 27.91
CA GLU A 100 -8.44 -2.55 28.13
C GLU A 100 -7.95 -1.52 27.11
N GLY A 101 -8.88 -0.96 26.35
CA GLY A 101 -8.55 0.08 25.40
C GLY A 101 -7.94 -0.30 24.06
N ALA A 102 -8.59 -1.19 23.33
CA ALA A 102 -8.03 -1.58 22.04
C ALA A 102 -8.71 -0.68 21.01
N LYS A 103 -7.91 0.06 20.25
CA LYS A 103 -8.49 0.96 19.23
C LYS A 103 -8.79 0.20 17.93
N VAL A 104 -10.00 0.39 17.40
CA VAL A 104 -10.39 -0.29 16.17
C VAL A 104 -10.31 0.60 14.94
N ILE A 105 -9.50 0.15 13.97
CA ILE A 105 -9.24 0.87 12.74
C ILE A 105 -9.76 0.08 11.57
N TYR A 106 -10.43 0.78 10.67
CA TYR A 106 -10.92 0.19 9.45
C TYR A 106 -10.04 0.65 8.28
N LEU A 107 -9.53 -0.30 7.51
CA LEU A 107 -8.72 0.09 6.36
C LEU A 107 -9.65 0.52 5.25
N SER A 108 -9.48 1.72 4.74
CA SER A 108 -10.35 2.18 3.68
C SER A 108 -9.77 3.35 2.92
N PRO A 109 -10.04 3.41 1.60
CA PRO A 109 -9.52 4.52 0.80
C PRO A 109 -10.14 5.87 1.12
N GLN A 110 -11.22 5.85 1.90
CA GLN A 110 -11.91 7.06 2.33
C GLN A 110 -11.36 7.56 3.67
N GLY A 111 -10.39 6.84 4.22
CA GLY A 111 -9.83 7.21 5.49
C GLY A 111 -8.68 8.19 5.32
N ARG A 112 -8.03 8.50 6.43
CA ARG A 112 -6.89 9.41 6.47
C ARG A 112 -5.74 8.79 5.69
N LYS A 113 -5.15 9.56 4.77
CA LYS A 113 -4.07 9.01 3.96
C LYS A 113 -2.84 8.83 4.88
N LEU A 114 -2.34 7.61 4.96
CA LEU A 114 -1.17 7.27 5.79
C LEU A 114 0.13 7.93 5.33
N ASP A 115 0.88 8.47 6.29
CA ASP A 115 2.21 9.03 6.06
C ASP A 115 3.08 8.78 7.30
N GLN A 116 4.35 9.14 7.26
CA GLN A 116 5.21 8.82 8.40
C GLN A 116 4.75 9.44 9.74
N GLY A 117 4.15 10.62 9.69
CA GLY A 117 3.63 11.20 10.91
C GLY A 117 2.50 10.36 11.51
N GLY A 118 1.66 9.84 10.63
CA GLY A 118 0.55 9.00 11.04
C GLY A 118 1.08 7.69 11.58
N VAL A 119 2.15 7.21 10.97
CA VAL A 119 2.78 5.99 11.43
C VAL A 119 3.30 6.16 12.85
N THR A 120 3.96 7.29 13.11
CA THR A 120 4.54 7.57 14.44
C THR A 120 3.43 7.71 15.48
N GLU A 121 2.29 8.28 15.06
CA GLU A 121 1.15 8.42 15.95
C GLU A 121 0.57 7.05 16.30
N LEU A 122 0.43 6.21 15.29
CA LEU A 122 -0.12 4.86 15.43
C LEU A 122 0.75 3.96 16.30
N ALA A 123 2.05 4.19 16.24
CA ALA A 123 3.02 3.39 17.00
C ALA A 123 2.91 3.57 18.52
N GLN A 124 2.08 4.52 18.94
CA GLN A 124 1.86 4.77 20.37
C GLN A 124 0.93 3.75 20.99
N ASN A 125 -0.16 3.45 20.30
CA ASN A 125 -1.11 2.47 20.81
C ASN A 125 -0.38 1.15 21.03
N GLN A 126 -0.60 0.52 22.17
CA GLN A 126 0.03 -0.77 22.46
C GLN A 126 -0.76 -1.88 21.80
N LYS A 127 -2.07 -1.65 21.62
CA LYS A 127 -2.93 -2.64 20.99
C LYS A 127 -3.84 -1.96 19.98
N LEU A 128 -3.99 -2.63 18.84
CA LEU A 128 -4.86 -2.18 17.76
C LEU A 128 -5.58 -3.36 17.15
N ILE A 129 -6.78 -3.10 16.63
CA ILE A 129 -7.53 -4.11 15.90
C ILE A 129 -7.78 -3.55 14.51
N LEU A 130 -7.42 -4.32 13.49
CA LEU A 130 -7.52 -3.88 12.11
C LEU A 130 -8.57 -4.65 11.31
N VAL A 131 -9.56 -3.91 10.80
CA VAL A 131 -10.65 -4.48 10.03
C VAL A 131 -10.41 -4.33 8.50
N CYS A 132 -10.40 -5.50 7.85
CA CYS A 132 -10.13 -5.62 6.42
C CYS A 132 -11.36 -5.87 5.54
N GLY A 133 -11.69 -4.94 4.64
CA GLY A 133 -12.84 -5.15 3.76
C GLY A 133 -12.56 -6.01 2.53
N ARG A 134 -13.62 -6.50 1.87
CA ARG A 134 -13.50 -7.22 0.59
C ARG A 134 -14.66 -6.87 -0.34
N TYR A 135 -14.60 -7.28 -1.60
CA TYR A 135 -15.72 -6.96 -2.49
C TYR A 135 -15.98 -5.47 -2.57
N GLU A 136 -17.23 -5.07 -2.47
CA GLU A 136 -17.53 -3.66 -2.58
C GLU A 136 -17.40 -2.91 -1.26
N GLY A 137 -17.05 -3.62 -0.19
CA GLY A 137 -16.83 -2.98 1.08
C GLY A 137 -17.65 -3.55 2.19
N ILE A 138 -17.91 -2.73 3.21
CA ILE A 138 -18.67 -3.14 4.39
C ILE A 138 -19.88 -2.22 4.65
N ASP A 139 -20.83 -2.71 5.45
CA ASP A 139 -22.03 -1.99 5.84
C ASP A 139 -21.74 -0.68 6.57
N GLU A 140 -22.34 0.43 6.13
CA GLU A 140 -22.11 1.71 6.78
C GLU A 140 -22.35 1.74 8.27
N ARG A 141 -23.30 0.92 8.70
CA ARG A 141 -23.66 0.90 10.10
C ARG A 141 -22.57 0.25 10.94
N LEU A 142 -21.79 -0.64 10.35
CA LEU A 142 -20.70 -1.21 11.12
C LEU A 142 -19.60 -0.15 11.35
N ILE A 143 -19.42 0.73 10.36
CA ILE A 143 -18.46 1.81 10.48
C ILE A 143 -18.87 2.79 11.55
N GLN A 144 -20.16 3.10 11.56
CA GLN A 144 -20.72 4.02 12.54
C GLN A 144 -20.70 3.45 13.96
N THR A 145 -20.99 2.18 14.12
CA THR A 145 -21.07 1.63 15.47
C THR A 145 -19.82 1.00 16.07
N GLU A 146 -18.89 0.55 15.23
CA GLU A 146 -17.73 -0.15 15.75
C GLU A 146 -16.36 0.44 15.43
N ILE A 147 -16.27 1.31 14.44
CA ILE A 147 -14.94 1.81 14.07
C ILE A 147 -14.57 3.14 14.71
N ASP A 148 -13.33 3.20 15.22
CA ASP A 148 -12.81 4.41 15.81
C ASP A 148 -12.13 5.34 14.77
N GLU A 149 -11.29 4.77 13.90
CA GLU A 149 -10.59 5.55 12.89
C GLU A 149 -10.47 4.78 11.57
N GLU A 150 -10.51 5.50 10.45
CA GLU A 150 -10.33 4.94 9.10
C GLU A 150 -8.98 5.37 8.50
N TRP A 151 -8.24 4.41 7.95
CA TRP A 151 -6.95 4.79 7.38
C TRP A 151 -6.83 4.25 5.96
N SER A 152 -6.31 5.08 5.06
CA SER A 152 -6.06 4.72 3.68
C SER A 152 -4.56 4.64 3.47
N ILE A 153 -4.06 3.69 2.68
CA ILE A 153 -2.64 3.70 2.40
C ILE A 153 -2.26 4.54 1.16
N GLY A 154 -3.26 5.07 0.47
CA GLY A 154 -2.96 5.85 -0.72
C GLY A 154 -4.16 6.09 -1.59
N ASP A 155 -4.05 7.04 -2.51
CA ASP A 155 -5.20 7.35 -3.34
C ASP A 155 -5.37 6.41 -4.53
N TYR A 156 -5.66 5.16 -4.20
CA TYR A 156 -5.87 4.14 -5.21
C TYR A 156 -6.70 3.08 -4.50
N VAL A 157 -7.39 2.26 -5.28
CA VAL A 157 -8.30 1.24 -4.75
C VAL A 157 -7.86 -0.23 -4.91
N LEU A 158 -7.91 -0.99 -3.83
CA LEU A 158 -7.53 -2.41 -3.88
C LEU A 158 -8.74 -3.35 -3.74
N THR A 159 -8.52 -4.63 -4.03
CA THR A 159 -9.60 -5.61 -3.94
C THR A 159 -9.93 -6.02 -2.50
N GLY A 160 -9.05 -5.73 -1.55
CA GLY A 160 -9.31 -6.10 -0.18
C GLY A 160 -8.40 -5.35 0.78
N GLY A 161 -8.75 -5.37 2.06
CA GLY A 161 -7.98 -4.71 3.08
C GLY A 161 -6.81 -5.40 3.74
N GLU A 162 -6.56 -6.66 3.38
CA GLU A 162 -5.45 -7.42 3.98
C GLU A 162 -4.08 -6.83 3.64
N LEU A 163 -3.84 -6.47 2.39
CA LEU A 163 -2.55 -5.86 2.08
C LEU A 163 -2.38 -4.51 2.78
N PRO A 164 -3.43 -3.68 2.79
CA PRO A 164 -3.26 -2.40 3.49
C PRO A 164 -2.94 -2.64 4.97
N ALA A 165 -3.62 -3.61 5.56
CA ALA A 165 -3.40 -3.91 6.97
C ALA A 165 -1.97 -4.36 7.21
N MET A 166 -1.47 -5.24 6.37
CA MET A 166 -0.09 -5.69 6.53
C MET A 166 0.91 -4.56 6.36
N THR A 167 0.59 -3.64 5.45
CA THR A 167 1.45 -2.48 5.22
C THR A 167 1.55 -1.64 6.45
N LEU A 168 0.41 -1.41 7.05
CA LEU A 168 0.33 -0.60 8.25
C LEU A 168 1.10 -1.28 9.37
N ILE A 169 0.85 -2.57 9.54
CA ILE A 169 1.54 -3.33 10.57
C ILE A 169 3.05 -3.22 10.40
N ASP A 170 3.53 -3.41 9.18
CA ASP A 170 4.96 -3.36 8.91
C ASP A 170 5.58 -1.97 9.23
N ALA A 171 4.89 -0.93 8.77
CA ALA A 171 5.37 0.43 8.95
C ALA A 171 5.49 0.77 10.44
N VAL A 172 4.48 0.40 11.22
CA VAL A 172 4.55 0.69 12.65
C VAL A 172 5.54 -0.24 13.35
N ALA A 173 5.68 -1.48 12.88
CA ALA A 173 6.60 -2.43 13.50
C ALA A 173 8.03 -1.89 13.46
N ARG A 174 8.35 -1.06 12.46
CA ARG A 174 9.71 -0.50 12.41
C ARG A 174 10.02 0.38 13.62
N PHE A 175 9.13 0.39 14.60
CA PHE A 175 9.30 1.19 15.81
C PHE A 175 9.36 0.38 17.09
N ILE A 176 8.82 -0.84 17.06
CA ILE A 176 8.87 -1.67 18.26
C ILE A 176 10.31 -1.69 18.75
N PRO A 177 10.52 -1.36 20.03
CA PRO A 177 11.86 -1.35 20.59
C PRO A 177 12.63 -2.66 20.36
N GLY A 178 13.85 -2.58 19.85
CA GLY A 178 14.66 -3.76 19.65
C GLY A 178 14.51 -4.47 18.33
N VAL A 179 14.26 -3.73 17.24
CA VAL A 179 14.10 -4.38 15.95
C VAL A 179 15.03 -3.81 14.89
N LEU A 180 15.64 -2.66 15.16
CA LEU A 180 16.54 -2.03 14.19
C LEU A 180 17.94 -1.87 14.77
N ASP A 189 15.93 3.83 6.89
CA ASP A 189 15.56 4.93 7.77
C ASP A 189 15.20 6.19 6.96
N SER A 190 14.57 6.00 5.80
CA SER A 190 14.09 7.10 4.94
C SER A 190 13.11 7.95 5.76
N PHE A 191 13.08 9.25 5.49
CA PHE A 191 12.19 10.19 6.21
C PHE A 191 12.57 10.31 7.67
N ALA A 192 13.81 9.91 7.97
CA ALA A 192 14.35 9.96 9.32
C ALA A 192 14.24 11.41 9.80
N ASP A 193 14.70 12.31 8.93
CA ASP A 193 14.67 13.74 9.15
C ASP A 193 13.69 14.43 8.21
N GLY A 194 12.72 13.71 7.65
CA GLY A 194 11.76 14.36 6.78
C GLY A 194 12.22 14.42 5.34
N LEU A 195 13.40 13.85 5.10
CA LEU A 195 14.03 13.87 3.78
C LEU A 195 14.05 12.50 3.14
N LEU A 196 14.11 12.49 1.81
CA LEU A 196 14.24 11.24 1.10
C LEU A 196 15.64 10.75 1.41
N ASP A 197 15.82 9.44 1.33
CA ASP A 197 17.11 8.83 1.62
C ASP A 197 18.13 9.19 0.51
N CYS A 198 19.41 9.08 0.83
CA CYS A 198 20.50 9.33 -0.12
C CYS A 198 20.81 8.08 -0.95
N PRO A 199 21.56 8.24 -2.06
CA PRO A 199 21.87 7.06 -2.86
C PRO A 199 22.88 6.17 -2.13
N HIS A 200 22.82 4.87 -2.38
CA HIS A 200 23.72 3.92 -1.74
C HIS A 200 24.56 3.11 -2.72
N TYR A 201 25.73 2.69 -2.25
CA TYR A 201 26.68 1.90 -3.05
C TYR A 201 27.35 0.77 -2.25
N THR A 202 27.63 -0.35 -2.91
CA THR A 202 28.36 -1.46 -2.27
C THR A 202 29.33 -2.06 -3.30
N ARG A 203 30.01 -3.14 -2.96
CA ARG A 203 30.97 -3.73 -3.90
C ARG A 203 30.18 -4.14 -5.15
N PRO A 204 30.82 -4.14 -6.32
CA PRO A 204 32.21 -3.79 -6.64
C PRO A 204 32.44 -2.30 -6.78
N GLU A 205 33.69 -1.87 -6.75
CA GLU A 205 34.03 -0.44 -6.90
C GLU A 205 33.55 0.11 -8.25
N VAL A 206 33.56 -0.73 -9.27
CA VAL A 206 33.08 -0.33 -10.59
C VAL A 206 32.05 -1.34 -11.05
N LEU A 207 30.89 -0.82 -11.44
CA LEU A 207 29.79 -1.64 -11.89
C LEU A 207 29.26 -1.11 -13.23
N GLU A 208 29.40 -1.90 -14.29
CA GLU A 208 28.96 -1.45 -15.61
C GLU A 208 29.52 -0.06 -15.93
N GLY A 209 30.81 0.13 -15.64
CA GLY A 209 31.49 1.39 -15.93
C GLY A 209 31.21 2.52 -14.94
N LEU A 210 30.36 2.26 -13.97
CA LEU A 210 29.98 3.26 -12.97
C LEU A 210 30.81 3.14 -11.71
N THR A 211 31.47 4.23 -11.34
CA THR A 211 32.34 4.20 -10.18
C THR A 211 31.65 4.75 -8.92
N VAL A 212 32.11 4.27 -7.77
CA VAL A 212 31.63 4.72 -6.48
C VAL A 212 32.21 6.12 -6.19
N PRO A 213 31.39 7.04 -5.69
CA PRO A 213 31.86 8.39 -5.37
C PRO A 213 33.11 8.38 -4.50
N PRO A 214 34.19 9.04 -4.96
CA PRO A 214 35.46 9.10 -4.23
C PRO A 214 35.30 9.50 -2.77
N VAL A 215 34.34 10.38 -2.50
CA VAL A 215 34.08 10.85 -1.14
C VAL A 215 33.77 9.70 -0.16
N LEU A 216 33.09 8.67 -0.64
CA LEU A 216 32.71 7.50 0.15
C LEU A 216 33.93 6.66 0.52
N MET A 217 35.01 6.93 -0.18
CA MET A 217 36.29 6.27 0.03
C MET A 217 37.31 7.07 0.86
N SER A 218 37.01 8.31 1.25
CA SER A 218 38.01 9.10 1.97
C SER A 218 38.31 8.53 3.35
N GLY A 219 37.35 7.81 3.89
CA GLY A 219 37.42 7.19 5.21
C GLY A 219 37.25 8.18 6.36
N HIS A 220 37.06 9.45 6.01
CA HIS A 220 36.85 10.49 6.99
C HIS A 220 35.35 10.58 7.14
N HIS A 221 34.82 10.06 8.23
CA HIS A 221 33.39 9.97 8.46
C HIS A 221 32.61 11.28 8.34
N GLU A 222 33.18 12.39 8.80
CA GLU A 222 32.47 13.66 8.74
C GLU A 222 32.24 14.24 7.33
N GLU A 223 33.24 14.16 6.47
CA GLU A 223 33.10 14.66 5.10
C GLU A 223 32.06 13.81 4.38
N ILE A 224 32.06 12.51 4.70
CA ILE A 224 31.11 11.60 4.09
C ILE A 224 29.68 11.90 4.52
N ARG A 225 29.49 12.14 5.81
CA ARG A 225 28.19 12.48 6.37
C ARG A 225 27.64 13.72 5.69
N LYS A 226 28.47 14.76 5.58
CA LYS A 226 28.00 15.98 4.94
C LYS A 226 27.64 15.72 3.48
N TRP A 227 28.43 14.89 2.80
CA TRP A 227 28.11 14.56 1.41
C TRP A 227 26.73 13.88 1.29
N ARG A 228 26.49 12.90 2.15
CA ARG A 228 25.24 12.14 2.16
C ARG A 228 24.04 13.04 2.46
N LEU A 229 24.20 13.95 3.41
CA LEU A 229 23.14 14.86 3.79
C LEU A 229 22.83 15.79 2.61
N LYS A 230 23.87 16.31 1.97
CA LYS A 230 23.66 17.16 0.81
C LYS A 230 22.89 16.41 -0.24
N GLN A 231 23.23 15.15 -0.39
CA GLN A 231 22.56 14.32 -1.36
C GLN A 231 21.06 14.12 -1.02
N SER A 232 20.74 13.92 0.26
CA SER A 232 19.34 13.73 0.67
C SER A 232 18.55 14.99 0.34
N LEU A 233 19.15 16.14 0.62
CA LEU A 233 18.49 17.42 0.34
C LEU A 233 18.25 17.61 -1.15
N GLN A 234 19.27 17.31 -1.94
CA GLN A 234 19.20 17.45 -3.39
C GLN A 234 18.09 16.55 -3.94
N ARG A 235 18.07 15.31 -3.47
CA ARG A 235 17.08 14.33 -3.89
C ARG A 235 15.64 14.69 -3.49
N THR A 236 15.48 15.19 -2.25
CA THR A 236 14.16 15.60 -1.78
C THR A 236 13.65 16.79 -2.58
N TRP A 237 14.55 17.74 -2.80
CA TRP A 237 14.24 18.94 -3.56
C TRP A 237 13.81 18.63 -4.99
N LEU A 238 14.58 17.79 -5.68
CA LEU A 238 14.23 17.48 -7.05
C LEU A 238 12.98 16.61 -7.20
N ARG A 239 13.01 15.41 -6.65
CA ARG A 239 11.86 14.51 -6.83
C ARG A 239 10.56 14.87 -6.12
N ARG A 240 10.67 15.38 -4.89
CA ARG A 240 9.50 15.67 -4.07
C ARG A 240 9.65 17.01 -3.32
N PRO A 241 9.71 18.13 -4.06
CA PRO A 241 9.89 19.46 -3.44
C PRO A 241 8.87 19.87 -2.38
N GLU A 242 7.66 19.36 -2.48
CA GLU A 242 6.60 19.69 -1.54
C GLU A 242 6.90 19.19 -0.12
N LEU A 243 7.65 18.10 -0.05
CA LEU A 243 8.05 17.52 1.24
C LEU A 243 8.89 18.56 1.95
N LEU A 244 9.65 19.28 1.14
CA LEU A 244 10.54 20.34 1.57
C LEU A 244 9.84 21.54 2.23
N GLU A 245 8.62 21.82 1.79
CA GLU A 245 7.89 22.97 2.32
C GLU A 245 7.65 23.09 3.82
N GLY A 246 7.42 21.98 4.50
CA GLY A 246 7.16 22.06 5.93
C GLY A 246 8.32 22.06 6.91
N LEU A 247 9.46 21.53 6.49
CA LEU A 247 10.60 21.43 7.38
C LEU A 247 11.31 22.70 7.84
N ALA A 248 11.87 22.64 9.05
CA ALA A 248 12.66 23.74 9.60
C ALA A 248 14.10 23.23 9.58
N LEU A 249 14.82 23.55 8.51
CA LEU A 249 16.20 23.13 8.30
C LEU A 249 17.22 23.82 9.20
N THR A 250 18.26 23.10 9.58
CA THR A 250 19.35 23.70 10.36
C THR A 250 20.12 24.60 9.40
N ASP A 251 21.01 25.42 9.93
CA ASP A 251 21.78 26.33 9.08
C ASP A 251 22.56 25.54 8.06
N GLU A 252 23.11 24.44 8.52
CA GLU A 252 23.91 23.56 7.70
C GLU A 252 23.11 22.95 6.56
N GLN A 253 21.90 22.48 6.86
CA GLN A 253 21.07 21.90 5.82
C GLN A 253 20.67 22.91 4.74
N ARG A 254 20.37 24.12 5.17
CA ARG A 254 20.02 25.18 4.23
C ARG A 254 21.20 25.46 3.32
N LYS A 255 22.39 25.49 3.92
CA LYS A 255 23.61 25.76 3.18
C LYS A 255 23.88 24.69 2.12
N LEU A 256 23.76 23.44 2.53
CA LEU A 256 24.04 22.33 1.63
C LEU A 256 23.02 22.26 0.50
N LEU A 257 21.77 22.56 0.82
CA LEU A 257 20.76 22.56 -0.23
C LEU A 257 21.08 23.68 -1.24
N LYS A 258 21.43 24.89 -0.78
CA LYS A 258 21.78 25.97 -1.73
C LYS A 258 22.96 25.60 -2.62
N GLU A 259 23.96 24.95 -2.03
CA GLU A 259 25.16 24.51 -2.76
C GLU A 259 24.74 23.52 -3.85
N ALA A 260 23.83 22.64 -3.48
CA ALA A 260 23.30 21.59 -4.36
C ALA A 260 22.51 22.23 -5.50
N GLN A 261 21.79 23.30 -5.15
CA GLN A 261 20.97 24.08 -6.07
C GLN A 261 21.82 24.77 -7.12
N ALA A 262 23.00 25.22 -6.72
CA ALA A 262 23.91 25.89 -7.65
C ALA A 262 24.37 24.95 -8.78
N GLU A 263 24.64 23.68 -8.46
CA GLU A 263 25.09 22.75 -9.49
C GLU A 263 24.02 22.40 -10.55
N HIS A 264 22.77 22.26 -10.13
CA HIS A 264 21.67 21.93 -11.05
C HIS A 264 21.30 22.89 -12.17
N ASN A 265 21.31 24.19 -11.88
CA ASN A 265 20.93 25.17 -12.89
C ASN A 265 22.09 25.68 -13.73
N SER A 266 23.31 25.35 -13.32
CA SER A 266 24.51 25.78 -14.03
C SER A 266 24.40 25.58 -15.55
N GLY B 18 -8.54 -14.81 -24.67
CA GLY B 18 -9.02 -13.94 -23.59
C GLY B 18 -7.96 -12.95 -23.14
N SER B 19 -8.24 -12.14 -22.12
CA SER B 19 -7.24 -11.14 -21.68
C SER B 19 -6.17 -11.77 -20.78
N HIS B 20 -5.02 -11.11 -20.63
CA HIS B 20 -3.97 -11.68 -19.80
C HIS B 20 -2.77 -10.73 -19.49
N MET B 21 -2.18 -10.88 -18.31
CA MET B 21 -1.07 -10.02 -17.93
C MET B 21 0.04 -10.82 -17.29
N TRP B 22 1.29 -10.44 -17.57
CA TRP B 22 2.39 -11.15 -16.95
C TRP B 22 3.23 -10.22 -16.08
N ILE B 23 3.48 -10.65 -14.85
CA ILE B 23 4.28 -9.92 -13.89
C ILE B 23 5.42 -10.76 -13.38
N GLY B 24 6.64 -10.27 -13.62
CA GLY B 24 7.84 -10.92 -13.13
C GLY B 24 8.19 -10.18 -11.86
N VAL B 25 8.60 -10.92 -10.84
CA VAL B 25 8.96 -10.35 -9.55
C VAL B 25 10.33 -10.81 -9.06
N ILE B 26 11.16 -9.90 -8.55
CA ILE B 26 12.44 -10.32 -7.98
C ILE B 26 12.32 -10.05 -6.49
N SER B 27 12.42 -11.09 -5.66
CA SER B 27 12.23 -10.94 -4.22
C SER B 27 12.92 -12.08 -3.47
N LEU B 28 13.51 -11.75 -2.34
CA LEU B 28 14.11 -12.75 -1.46
C LEU B 28 13.10 -13.61 -0.74
N PHE B 29 11.83 -13.21 -0.77
CA PHE B 29 10.77 -13.93 -0.08
C PHE B 29 9.56 -14.12 -0.99
N PRO B 30 9.75 -14.85 -2.10
CA PRO B 30 8.71 -15.13 -3.10
C PRO B 30 7.44 -15.75 -2.51
N GLU B 31 7.59 -16.48 -1.40
CA GLU B 31 6.42 -17.12 -0.79
C GLU B 31 5.39 -16.13 -0.27
N MET B 32 5.80 -14.89 -0.03
CA MET B 32 4.87 -13.88 0.42
C MET B 32 3.79 -13.69 -0.62
N PHE B 33 4.16 -13.91 -1.88
CA PHE B 33 3.22 -13.68 -2.96
C PHE B 33 2.07 -14.65 -2.99
N LYS B 34 2.13 -15.73 -2.21
CA LYS B 34 0.94 -16.58 -2.15
C LYS B 34 -0.25 -15.76 -1.65
N ALA B 35 0.03 -14.71 -0.88
CA ALA B 35 -1.05 -13.90 -0.36
C ALA B 35 -1.91 -13.35 -1.47
N ILE B 36 -1.33 -13.05 -2.62
CA ILE B 36 -2.19 -12.59 -3.71
C ILE B 36 -2.48 -13.65 -4.76
N THR B 37 -1.59 -14.62 -4.91
CA THR B 37 -1.85 -15.62 -5.96
C THR B 37 -2.78 -16.76 -5.53
N GLU B 38 -2.99 -16.90 -4.23
CA GLU B 38 -3.83 -17.97 -3.72
C GLU B 38 -5.14 -17.48 -3.08
N PHE B 39 -5.33 -16.18 -2.97
CA PHE B 39 -6.52 -15.64 -2.29
C PHE B 39 -7.24 -14.54 -3.04
N GLY B 40 -8.54 -14.59 -2.83
CA GLY B 40 -9.51 -13.65 -3.36
C GLY B 40 -9.54 -13.58 -4.86
N VAL B 41 -10.04 -12.43 -5.33
CA VAL B 41 -10.19 -12.14 -6.73
C VAL B 41 -8.89 -12.31 -7.51
N THR B 42 -7.77 -11.83 -6.96
CA THR B 42 -6.48 -11.93 -7.64
C THR B 42 -6.00 -13.37 -7.73
N GLY B 43 -6.30 -14.15 -6.69
CA GLY B 43 -5.92 -15.55 -6.70
C GLY B 43 -6.68 -16.24 -7.82
N ARG B 44 -7.96 -15.89 -7.96
CA ARG B 44 -8.80 -16.48 -9.00
C ARG B 44 -8.33 -16.04 -10.37
N ALA B 45 -7.86 -14.81 -10.47
CA ALA B 45 -7.35 -14.27 -11.71
C ALA B 45 -6.16 -15.11 -12.13
N VAL B 46 -5.37 -15.52 -11.13
CA VAL B 46 -4.18 -16.34 -11.41
C VAL B 46 -4.65 -17.71 -11.88
N LYS B 47 -5.61 -18.29 -11.17
CA LYS B 47 -6.18 -19.60 -11.50
C LYS B 47 -6.80 -19.63 -12.88
N HIS B 48 -7.35 -18.51 -13.31
CA HIS B 48 -7.99 -18.45 -14.60
C HIS B 48 -7.04 -18.00 -15.70
N ASN B 49 -5.78 -17.92 -15.35
CA ASN B 49 -4.76 -17.54 -16.33
C ASN B 49 -4.94 -16.13 -16.83
N LEU B 50 -5.64 -15.29 -16.07
CA LEU B 50 -5.83 -13.92 -16.49
C LEU B 50 -4.60 -13.14 -16.06
N LEU B 51 -4.02 -13.57 -14.94
CA LEU B 51 -2.83 -12.93 -14.41
C LEU B 51 -1.79 -14.01 -14.14
N LYS B 52 -0.56 -13.79 -14.60
CA LYS B 52 0.54 -14.71 -14.33
C LYS B 52 1.65 -14.00 -13.58
N VAL B 53 2.12 -14.63 -12.50
CA VAL B 53 3.21 -14.08 -11.71
C VAL B 53 4.38 -15.03 -11.56
N GLU B 54 5.58 -14.62 -11.95
CA GLU B 54 6.71 -15.53 -11.78
C GLU B 54 7.71 -14.82 -10.89
N CYS B 55 8.28 -15.57 -9.94
CA CYS B 55 9.21 -15.00 -8.98
C CYS B 55 10.60 -15.61 -9.01
N TRP B 56 11.58 -14.76 -9.26
CA TRP B 56 12.98 -15.15 -9.22
C TRP B 56 13.55 -14.68 -7.88
N ASN B 57 14.31 -15.54 -7.24
CA ASN B 57 14.89 -15.23 -5.93
C ASN B 57 16.40 -15.07 -6.03
N PRO B 58 16.89 -13.88 -5.67
CA PRO B 58 18.35 -13.66 -5.71
C PRO B 58 19.15 -14.75 -4.97
N ARG B 59 18.58 -15.37 -3.94
CA ARG B 59 19.33 -16.40 -3.22
C ARG B 59 19.70 -17.57 -4.15
N ASP B 60 18.85 -17.82 -5.14
CA ASP B 60 19.10 -18.90 -6.10
C ASP B 60 20.23 -18.53 -7.06
N PHE B 61 20.66 -17.28 -7.00
CA PHE B 61 21.73 -16.74 -7.83
C PHE B 61 23.03 -16.54 -7.04
N THR B 62 22.93 -16.51 -5.71
CA THR B 62 24.12 -16.35 -4.88
C THR B 62 25.09 -17.48 -5.04
N PHE B 63 26.35 -17.09 -5.29
CA PHE B 63 27.45 -18.02 -5.46
C PHE B 63 27.98 -18.42 -4.10
N ASP B 64 28.03 -17.44 -3.20
CA ASP B 64 28.50 -17.64 -1.84
C ASP B 64 27.99 -18.92 -1.17
N LYS B 65 28.93 -19.67 -0.60
CA LYS B 65 28.68 -20.95 0.06
C LYS B 65 27.56 -20.79 1.09
N HIS B 66 27.55 -19.66 1.80
CA HIS B 66 26.56 -19.41 2.86
C HIS B 66 25.35 -18.63 2.33
N LYS B 67 25.30 -18.51 1.01
CA LYS B 67 24.24 -17.89 0.21
C LYS B 67 23.89 -16.50 0.75
N THR B 68 24.92 -15.69 0.85
CA THR B 68 24.86 -14.32 1.33
C THR B 68 24.17 -13.47 0.28
N VAL B 69 23.14 -12.73 0.67
CA VAL B 69 22.42 -11.90 -0.30
C VAL B 69 22.51 -10.41 0.00
N ASP B 70 23.24 -10.06 1.06
CA ASP B 70 23.46 -8.66 1.40
C ASP B 70 24.94 -8.34 1.31
N ASP B 71 25.27 -7.06 1.44
CA ASP B 71 26.66 -6.64 1.29
C ASP B 71 26.82 -5.29 1.97
N ARG B 72 28.05 -4.91 2.30
CA ARG B 72 28.26 -3.64 2.99
C ARG B 72 28.26 -2.40 2.11
N PRO B 73 27.66 -1.32 2.63
CA PRO B 73 27.59 -0.03 1.93
C PRO B 73 28.90 0.69 2.10
N TYR B 74 29.41 1.36 1.07
CA TYR B 74 30.63 2.12 1.27
C TYR B 74 30.25 3.28 2.15
N GLY B 75 31.15 3.63 3.07
CA GLY B 75 30.92 4.75 3.96
C GLY B 75 30.38 4.34 5.32
N GLY B 76 30.12 3.04 5.54
CA GLY B 76 29.62 2.59 6.83
C GLY B 76 28.18 2.97 7.18
N GLY B 77 27.92 2.98 8.49
CA GLY B 77 26.63 3.32 9.04
C GLY B 77 25.59 2.27 9.35
N PRO B 78 24.31 2.65 9.25
CA PRO B 78 23.14 1.81 9.51
C PRO B 78 22.79 0.88 8.36
N GLY B 79 22.48 -0.38 8.64
CA GLY B 79 22.10 -1.19 7.50
C GLY B 79 23.15 -1.87 6.67
N MET B 80 22.64 -2.72 5.79
CA MET B 80 23.39 -3.50 4.84
C MET B 80 22.65 -3.20 3.55
N LEU B 81 23.29 -3.45 2.42
CA LEU B 81 22.62 -3.22 1.17
C LEU B 81 22.49 -4.59 0.54
N MET B 82 21.62 -4.73 -0.44
CA MET B 82 21.62 -5.99 -1.14
C MET B 82 22.89 -6.10 -1.97
N MET B 83 23.44 -7.32 -1.96
CA MET B 83 24.64 -7.63 -2.73
C MET B 83 24.30 -7.52 -4.21
N VAL B 84 25.19 -6.88 -4.96
CA VAL B 84 24.96 -6.62 -6.38
C VAL B 84 24.82 -7.86 -7.29
N GLN B 85 25.76 -8.79 -7.23
CA GLN B 85 25.69 -9.93 -8.16
C GLN B 85 24.40 -10.80 -8.14
N PRO B 86 23.95 -11.24 -6.95
CA PRO B 86 22.76 -12.08 -7.02
C PRO B 86 21.55 -11.35 -7.57
N LEU B 87 21.41 -10.12 -7.11
CA LEU B 87 20.29 -9.29 -7.50
C LEU B 87 20.34 -8.91 -8.99
N ARG B 88 21.52 -8.52 -9.46
CA ARG B 88 21.72 -8.14 -10.85
C ARG B 88 21.39 -9.31 -11.76
N ASP B 89 21.88 -10.49 -11.36
CA ASP B 89 21.68 -11.70 -12.13
C ASP B 89 20.21 -12.15 -12.19
N ALA B 90 19.50 -12.01 -11.08
CA ALA B 90 18.09 -12.35 -11.05
C ALA B 90 17.36 -11.40 -12.02
N ILE B 91 17.72 -10.12 -11.97
CA ILE B 91 17.07 -9.16 -12.85
C ILE B 91 17.35 -9.52 -14.31
N HIS B 92 18.59 -9.89 -14.64
CA HIS B 92 18.93 -10.24 -16.02
C HIS B 92 18.15 -11.45 -16.46
N THR B 93 17.94 -12.40 -15.55
CA THR B 93 17.19 -13.58 -15.89
C THR B 93 15.75 -13.25 -16.20
N ALA B 94 15.17 -12.40 -15.36
CA ALA B 94 13.79 -11.98 -15.56
C ALA B 94 13.61 -11.19 -16.86
N LYS B 95 14.55 -10.28 -17.13
CA LYS B 95 14.44 -9.48 -18.33
C LYS B 95 14.53 -10.42 -19.52
N ALA B 96 15.38 -11.44 -19.37
CA ALA B 96 15.57 -12.41 -20.43
C ALA B 96 14.32 -13.25 -20.69
N ALA B 97 13.63 -13.65 -19.62
CA ALA B 97 12.41 -14.45 -19.80
C ALA B 97 11.29 -13.63 -20.40
N ALA B 98 11.24 -12.35 -20.03
CA ALA B 98 10.19 -11.46 -20.50
C ALA B 98 10.30 -11.00 -21.96
N GLY B 99 11.52 -10.92 -22.49
CA GLY B 99 11.66 -10.46 -23.87
C GLY B 99 11.41 -8.96 -23.92
N GLU B 100 10.97 -8.49 -25.09
CA GLU B 100 10.68 -7.06 -25.32
C GLU B 100 9.35 -6.64 -24.72
N GLY B 101 9.26 -5.35 -24.43
CA GLY B 101 8.05 -4.74 -23.87
C GLY B 101 7.95 -4.94 -22.37
N ALA B 102 9.05 -5.41 -21.79
CA ALA B 102 9.11 -5.64 -20.35
C ALA B 102 9.69 -4.42 -19.63
N LYS B 103 8.80 -3.63 -19.04
CA LYS B 103 9.20 -2.43 -18.32
C LYS B 103 9.61 -2.84 -16.90
N VAL B 104 10.76 -2.36 -16.44
CA VAL B 104 11.25 -2.69 -15.09
C VAL B 104 11.03 -1.59 -14.06
N ILE B 105 10.34 -1.92 -12.99
CA ILE B 105 10.02 -0.94 -11.96
C ILE B 105 10.68 -1.29 -10.64
N TYR B 106 11.25 -0.29 -10.00
CA TYR B 106 11.79 -0.49 -8.69
C TYR B 106 10.84 0.14 -7.68
N LEU B 107 10.42 -0.65 -6.71
CA LEU B 107 9.56 -0.13 -5.68
C LEU B 107 10.49 0.59 -4.71
N SER B 108 10.24 1.87 -4.46
CA SER B 108 11.09 2.64 -3.55
C SER B 108 10.34 3.88 -3.13
N PRO B 109 10.55 4.31 -1.87
CA PRO B 109 9.86 5.51 -1.36
C PRO B 109 10.32 6.80 -2.03
N GLN B 110 11.41 6.70 -2.80
CA GLN B 110 11.94 7.84 -3.54
C GLN B 110 11.34 7.93 -4.93
N GLY B 111 10.43 7.00 -5.24
CA GLY B 111 9.80 6.99 -6.55
C GLY B 111 8.55 7.83 -6.64
N ARG B 112 7.90 7.76 -7.81
CA ARG B 112 6.67 8.48 -8.08
C ARG B 112 5.57 7.95 -7.17
N LYS B 113 4.88 8.86 -6.47
CA LYS B 113 3.83 8.40 -5.55
C LYS B 113 2.65 7.89 -6.35
N LEU B 114 2.29 6.64 -6.09
CA LEU B 114 1.18 5.98 -6.74
C LEU B 114 -0.18 6.62 -6.40
N ASP B 115 -1.00 6.81 -7.44
CA ASP B 115 -2.37 7.28 -7.31
C ASP B 115 -3.18 6.59 -8.38
N GLN B 116 -4.49 6.77 -8.38
CA GLN B 116 -5.33 6.05 -9.33
C GLN B 116 -4.99 6.32 -10.81
N GLY B 117 -4.57 7.55 -11.10
CA GLY B 117 -4.14 7.89 -12.45
C GLY B 117 -2.89 7.14 -12.88
N GLY B 118 -1.98 7.01 -11.93
CA GLY B 118 -0.74 6.29 -12.16
C GLY B 118 -1.05 4.82 -12.34
N VAL B 119 -2.03 4.33 -11.59
CA VAL B 119 -2.45 2.93 -11.70
C VAL B 119 -3.01 2.68 -13.11
N THR B 120 -3.82 3.61 -13.62
CA THR B 120 -4.39 3.43 -14.95
C THR B 120 -3.25 3.42 -15.96
N GLU B 121 -2.21 4.24 -15.71
CA GLU B 121 -1.05 4.29 -16.60
C GLU B 121 -0.25 2.97 -16.61
N LEU B 122 0.01 2.42 -15.43
CA LEU B 122 0.75 1.18 -15.29
C LEU B 122 -0.04 0.03 -15.90
N ALA B 123 -1.35 0.11 -15.79
CA ALA B 123 -2.22 -0.94 -16.31
C ALA B 123 -2.17 -1.01 -17.82
N GLN B 124 -1.52 -0.03 -18.44
CA GLN B 124 -1.39 -0.04 -19.89
C GLN B 124 -0.30 -0.99 -20.40
N ASN B 125 0.51 -1.48 -19.47
CA ASN B 125 1.60 -2.41 -19.78
C ASN B 125 1.17 -3.88 -19.73
N GLN B 126 1.56 -4.65 -20.74
CA GLN B 126 1.24 -6.09 -20.80
C GLN B 126 2.23 -6.91 -19.96
N LYS B 127 3.44 -6.37 -19.80
CA LYS B 127 4.47 -7.05 -19.01
C LYS B 127 5.18 -6.07 -18.10
N LEU B 128 5.42 -6.50 -16.86
CA LEU B 128 6.17 -5.69 -15.91
C LEU B 128 7.08 -6.59 -15.11
N ILE B 129 8.22 -6.03 -14.70
CA ILE B 129 9.11 -6.75 -13.81
C ILE B 129 9.21 -5.83 -12.59
N LEU B 130 8.96 -6.39 -11.41
CA LEU B 130 8.98 -5.61 -10.18
C LEU B 130 10.13 -6.01 -9.27
N VAL B 131 11.00 -5.06 -8.97
CA VAL B 131 12.14 -5.34 -8.11
C VAL B 131 11.82 -4.89 -6.67
N CYS B 132 11.87 -5.82 -5.74
CA CYS B 132 11.54 -5.58 -4.34
C CYS B 132 12.82 -5.45 -3.52
N GLY B 133 13.06 -4.29 -2.93
CA GLY B 133 14.26 -4.14 -2.13
C GLY B 133 14.15 -4.69 -0.73
N ARG B 134 15.29 -4.87 -0.08
CA ARG B 134 15.35 -5.27 1.33
C ARG B 134 16.51 -4.54 1.98
N TYR B 135 16.62 -4.64 3.31
CA TYR B 135 17.70 -3.95 4.02
C TYR B 135 17.61 -2.45 3.73
N GLU B 136 18.73 -1.81 3.41
CA GLU B 136 18.69 -0.38 3.13
C GLU B 136 18.40 -0.04 1.67
N GLY B 137 18.20 -1.05 0.83
CA GLY B 137 17.86 -0.78 -0.55
C GLY B 137 18.83 -1.45 -1.50
N ILE B 138 18.97 -0.90 -2.69
CA ILE B 138 19.87 -1.49 -3.67
C ILE B 138 20.89 -0.45 -4.15
N ASP B 139 21.97 -0.95 -4.74
CA ASP B 139 23.03 -0.11 -5.26
C ASP B 139 22.47 0.84 -6.32
N GLU B 140 22.77 2.13 -6.18
CA GLU B 140 22.29 3.14 -7.10
C GLU B 140 22.60 2.86 -8.59
N ARG B 141 23.73 2.20 -8.84
CA ARG B 141 24.11 1.93 -10.22
C ARG B 141 23.24 0.88 -10.87
N LEU B 142 22.67 -0.02 -10.07
CA LEU B 142 21.75 -1.01 -10.63
C LEU B 142 20.47 -0.29 -11.02
N ILE B 143 20.12 0.74 -10.25
CA ILE B 143 18.94 1.53 -10.55
C ILE B 143 19.10 2.29 -11.86
N GLN B 144 20.27 2.88 -12.03
CA GLN B 144 20.55 3.63 -13.24
C GLN B 144 20.64 2.75 -14.48
N THR B 145 21.23 1.57 -14.34
CA THR B 145 21.46 0.70 -15.48
C THR B 145 20.39 -0.33 -15.79
N GLU B 146 19.58 -0.70 -14.81
CA GLU B 146 18.60 -1.75 -15.01
C GLU B 146 17.16 -1.35 -14.76
N ILE B 147 16.93 -0.24 -14.06
CA ILE B 147 15.56 0.14 -13.71
C ILE B 147 15.02 1.15 -14.72
N ASP B 148 13.78 0.93 -15.13
CA ASP B 148 13.12 1.85 -16.05
C ASP B 148 12.39 2.98 -15.30
N GLU B 149 11.64 2.63 -14.25
CA GLU B 149 10.87 3.59 -13.44
C GLU B 149 10.87 3.24 -11.96
N GLU B 150 10.84 4.24 -11.09
CA GLU B 150 10.75 4.05 -9.64
C GLU B 150 9.36 4.44 -9.14
N TRP B 151 8.74 3.58 -8.32
CA TRP B 151 7.40 3.90 -7.79
C TRP B 151 7.27 3.69 -6.27
N SER B 152 6.60 4.63 -5.59
CA SER B 152 6.32 4.53 -4.16
C SER B 152 4.84 4.32 -3.96
N ILE B 153 4.45 3.50 -2.98
CA ILE B 153 3.01 3.37 -2.68
C ILE B 153 2.52 4.40 -1.66
N GLY B 154 3.44 5.18 -1.12
CA GLY B 154 3.09 6.19 -0.14
C GLY B 154 4.31 6.70 0.59
N ASP B 155 4.13 7.85 1.25
CA ASP B 155 5.20 8.52 1.97
C ASP B 155 5.39 7.94 3.36
N TYR B 156 5.85 6.70 3.42
CA TYR B 156 6.08 6.02 4.68
C TYR B 156 7.09 4.90 4.37
N VAL B 157 7.80 4.42 5.38
CA VAL B 157 8.83 3.41 5.13
C VAL B 157 8.51 2.00 5.62
N LEU B 158 8.64 1.03 4.72
CA LEU B 158 8.41 -0.38 5.02
C LEU B 158 9.72 -1.16 5.03
N THR B 159 9.67 -2.39 5.56
CA THR B 159 10.85 -3.24 5.63
C THR B 159 11.27 -3.87 4.29
N GLY B 160 10.38 -3.86 3.31
CA GLY B 160 10.70 -4.46 2.04
C GLY B 160 9.76 -4.01 0.95
N GLY B 161 10.15 -4.29 -0.30
CA GLY B 161 9.34 -3.94 -1.45
C GLY B 161 8.27 -4.95 -1.82
N GLU B 162 8.18 -6.06 -1.10
CA GLU B 162 7.16 -7.08 -1.40
C GLU B 162 5.72 -6.62 -1.19
N LEU B 163 5.44 -5.98 -0.06
CA LEU B 163 4.08 -5.47 0.16
C LEU B 163 3.77 -4.40 -0.87
N PRO B 164 4.75 -3.51 -1.11
CA PRO B 164 4.49 -2.49 -2.12
C PRO B 164 4.21 -3.13 -3.47
N ALA B 165 4.96 -4.18 -3.79
CA ALA B 165 4.81 -4.87 -5.05
C ALA B 165 3.44 -5.51 -5.18
N MET B 166 3.00 -6.18 -4.13
CA MET B 166 1.70 -6.82 -4.14
C MET B 166 0.59 -5.81 -4.26
N THR B 167 0.78 -4.66 -3.62
CA THR B 167 -0.18 -3.56 -3.67
C THR B 167 -0.35 -3.04 -5.09
N LEU B 168 0.78 -2.85 -5.74
CA LEU B 168 0.78 -2.34 -7.09
C LEU B 168 0.06 -3.37 -7.99
N ILE B 169 0.45 -4.63 -7.85
CA ILE B 169 -0.17 -5.69 -8.65
C ILE B 169 -1.69 -5.72 -8.44
N ASP B 170 -2.16 -5.69 -7.19
CA ASP B 170 -3.59 -5.72 -6.86
C ASP B 170 -4.36 -4.52 -7.45
N ALA B 171 -3.78 -3.34 -7.27
CA ALA B 171 -4.41 -2.12 -7.75
C ALA B 171 -4.58 -2.23 -9.26
N VAL B 172 -3.53 -2.67 -9.97
CA VAL B 172 -3.64 -2.81 -11.43
C VAL B 172 -4.51 -3.98 -11.85
N ALA B 173 -4.51 -5.04 -11.05
CA ALA B 173 -5.31 -6.22 -11.35
C ALA B 173 -6.78 -5.87 -11.42
N ARG B 174 -7.21 -4.87 -10.66
CA ARG B 174 -8.63 -4.55 -10.74
C ARG B 174 -9.05 -4.04 -12.13
N PHE B 175 -8.08 -3.62 -12.93
CA PHE B 175 -8.41 -3.14 -14.26
C PHE B 175 -8.35 -4.16 -15.38
N ILE B 176 -7.93 -5.39 -15.08
CA ILE B 176 -7.92 -6.40 -16.13
C ILE B 176 -9.35 -6.95 -16.29
N PRO B 177 -9.90 -6.91 -17.51
CA PRO B 177 -11.25 -7.41 -17.79
C PRO B 177 -11.46 -8.85 -17.29
N GLY B 178 -12.54 -9.11 -16.58
CA GLY B 178 -12.79 -10.46 -16.12
C GLY B 178 -12.21 -10.81 -14.76
N VAL B 179 -11.45 -9.88 -14.19
CA VAL B 179 -10.82 -10.07 -12.89
C VAL B 179 -11.93 -9.92 -11.85
N LEU B 180 -12.74 -8.87 -11.98
CA LEU B 180 -13.84 -8.63 -11.05
C LEU B 180 -15.10 -9.42 -11.46
N GLY B 181 -15.24 -9.67 -12.76
CA GLY B 181 -16.37 -10.46 -13.22
C GLY B 181 -17.52 -9.57 -13.63
N LYS B 182 -17.80 -8.56 -12.80
CA LYS B 182 -18.69 -7.48 -13.19
C LYS B 182 -17.82 -6.27 -13.48
N GLN B 183 -17.92 -5.73 -14.69
CA GLN B 183 -17.08 -4.61 -15.08
C GLN B 183 -17.57 -3.31 -14.45
N ALA B 184 -18.85 -3.28 -14.06
CA ALA B 184 -19.43 -2.09 -13.45
C ALA B 184 -18.94 -1.90 -12.02
N SER B 185 -18.52 -3.00 -11.38
CA SER B 185 -17.90 -2.96 -10.06
C SER B 185 -16.62 -2.11 -10.07
N ALA B 186 -15.87 -2.19 -11.17
CA ALA B 186 -14.64 -1.41 -11.31
C ALA B 186 -14.89 0.10 -11.10
N GLU B 187 -16.00 0.60 -11.66
CA GLU B 187 -16.37 2.00 -11.54
C GLU B 187 -16.98 2.33 -10.18
N GLU B 188 -17.62 1.36 -9.53
CA GLU B 188 -18.32 1.61 -8.26
C GLU B 188 -17.39 1.62 -7.04
N ASP B 189 -16.19 2.16 -7.24
CA ASP B 189 -15.19 2.29 -6.18
C ASP B 189 -14.61 3.69 -6.24
N SER B 190 -14.01 4.10 -5.14
CA SER B 190 -13.38 5.40 -5.04
C SER B 190 -12.30 5.61 -6.08
N PHE B 191 -12.19 6.87 -6.50
CA PHE B 191 -11.21 7.33 -7.49
C PHE B 191 -11.49 6.79 -8.89
N ALA B 192 -12.37 5.82 -9.02
CA ALA B 192 -12.70 5.24 -10.32
C ALA B 192 -13.12 6.37 -11.27
N ASP B 193 -14.03 7.23 -10.83
CA ASP B 193 -14.46 8.37 -11.63
C ASP B 193 -13.98 9.66 -11.00
N GLY B 194 -12.97 9.53 -10.15
CA GLY B 194 -12.33 10.64 -9.46
C GLY B 194 -13.03 11.04 -8.18
N LEU B 195 -14.14 10.38 -7.84
CA LEU B 195 -14.89 10.75 -6.64
C LEU B 195 -14.82 9.62 -5.64
N LEU B 196 -14.97 9.93 -4.36
CA LEU B 196 -15.02 8.88 -3.35
C LEU B 196 -16.36 8.13 -3.52
N ASP B 197 -16.38 6.86 -3.09
CA ASP B 197 -17.57 6.05 -3.20
C ASP B 197 -18.64 6.54 -2.22
N CYS B 198 -19.91 6.21 -2.47
CA CYS B 198 -21.00 6.56 -1.56
C CYS B 198 -21.04 5.46 -0.49
N PRO B 199 -21.75 5.70 0.63
CA PRO B 199 -21.86 4.64 1.65
C PRO B 199 -22.78 3.51 1.17
N HIS B 200 -22.51 2.29 1.63
CA HIS B 200 -23.28 1.10 1.25
C HIS B 200 -23.94 0.39 2.40
N TYR B 201 -25.05 -0.29 2.10
CA TYR B 201 -25.82 -1.02 3.09
C TYR B 201 -26.29 -2.37 2.54
N THR B 202 -26.35 -3.39 3.39
CA THR B 202 -26.90 -4.69 2.98
C THR B 202 -27.76 -5.26 4.11
N ARG B 203 -28.28 -6.48 3.95
CA ARG B 203 -29.16 -7.09 4.95
C ARG B 203 -28.55 -7.29 6.32
N PRO B 204 -29.40 -7.24 7.37
CA PRO B 204 -30.86 -7.01 7.44
C PRO B 204 -31.30 -5.53 7.40
N GLU B 205 -32.58 -5.22 7.15
CA GLU B 205 -33.01 -3.81 7.13
C GLU B 205 -32.83 -3.02 8.44
N VAL B 206 -32.98 -3.65 9.60
CA VAL B 206 -32.74 -2.88 10.81
C VAL B 206 -31.78 -3.66 11.68
N LEU B 207 -30.68 -3.04 12.07
CA LEU B 207 -29.72 -3.72 12.89
C LEU B 207 -29.25 -2.85 14.08
N GLU B 208 -29.55 -3.20 15.33
CA GLU B 208 -29.15 -2.36 16.47
C GLU B 208 -29.48 -0.86 16.40
N GLY B 209 -30.71 -0.59 15.99
CA GLY B 209 -31.28 0.75 15.88
C GLY B 209 -30.93 1.62 14.69
N LEU B 210 -30.04 1.16 13.82
CA LEU B 210 -29.70 1.95 12.65
C LEU B 210 -30.52 1.41 11.47
N THR B 211 -31.33 2.24 10.82
CA THR B 211 -32.18 1.74 9.73
C THR B 211 -31.51 2.03 8.37
N VAL B 212 -31.80 1.22 7.36
CA VAL B 212 -31.26 1.52 6.05
C VAL B 212 -32.02 2.70 5.46
N PRO B 213 -31.31 3.67 4.88
CA PRO B 213 -32.01 4.82 4.27
C PRO B 213 -33.10 4.30 3.33
N PRO B 214 -34.33 4.75 3.55
CA PRO B 214 -35.51 4.34 2.77
C PRO B 214 -35.39 4.38 1.27
N VAL B 215 -34.68 5.34 0.70
CA VAL B 215 -34.59 5.39 -0.76
C VAL B 215 -34.05 4.08 -1.36
N LEU B 216 -33.10 3.44 -0.67
CA LEU B 216 -32.49 2.19 -1.14
C LEU B 216 -33.44 1.00 -1.09
N MET B 217 -34.51 1.12 -0.32
CA MET B 217 -35.51 0.07 -0.23
C MET B 217 -36.72 0.35 -1.08
N SER B 218 -36.78 1.53 -1.67
CA SER B 218 -37.95 1.92 -2.44
C SER B 218 -38.15 1.17 -3.74
N GLY B 219 -37.10 0.60 -4.30
CA GLY B 219 -37.30 -0.10 -5.56
C GLY B 219 -37.40 0.97 -6.63
N HIS B 220 -37.25 2.24 -6.24
CA HIS B 220 -37.37 3.30 -7.21
C HIS B 220 -35.96 3.52 -7.74
N HIS B 221 -35.71 2.98 -8.92
CA HIS B 221 -34.38 3.01 -9.55
C HIS B 221 -33.73 4.36 -9.81
N GLU B 222 -34.55 5.29 -10.25
CA GLU B 222 -34.03 6.61 -10.58
C GLU B 222 -33.62 7.37 -9.31
N GLU B 223 -34.45 7.27 -8.27
CA GLU B 223 -34.14 7.92 -7.02
C GLU B 223 -32.91 7.30 -6.42
N ILE B 224 -32.78 5.99 -6.59
CA ILE B 224 -31.61 5.32 -6.05
C ILE B 224 -30.33 5.78 -6.76
N ARG B 225 -30.37 5.85 -8.09
CA ARG B 225 -29.22 6.29 -8.85
C ARG B 225 -28.78 7.69 -8.41
N LYS B 226 -29.75 8.60 -8.33
CA LYS B 226 -29.46 9.97 -7.92
C LYS B 226 -28.97 10.09 -6.48
N TRP B 227 -29.54 9.30 -5.59
CA TRP B 227 -29.10 9.31 -4.20
C TRP B 227 -27.65 8.88 -4.10
N ARG B 228 -27.32 7.79 -4.79
CA ARG B 228 -25.97 7.24 -4.75
C ARG B 228 -24.97 8.24 -5.28
N LEU B 229 -25.36 8.90 -6.36
CA LEU B 229 -24.50 9.90 -6.98
C LEU B 229 -24.29 11.16 -6.10
N LYS B 230 -25.39 11.66 -5.54
CA LYS B 230 -25.37 12.81 -4.64
C LYS B 230 -24.51 12.52 -3.42
N GLN B 231 -24.63 11.30 -2.89
CA GLN B 231 -23.84 10.84 -1.75
C GLN B 231 -22.35 10.77 -2.07
N SER B 232 -22.05 10.28 -3.26
CA SER B 232 -20.67 10.18 -3.66
C SER B 232 -20.09 11.57 -3.68
N LEU B 233 -20.86 12.53 -4.21
CA LEU B 233 -20.43 13.93 -4.28
C LEU B 233 -20.25 14.58 -2.90
N GLN B 234 -21.23 14.35 -2.04
CA GLN B 234 -21.21 14.90 -0.70
C GLN B 234 -19.98 14.40 0.06
N ARG B 235 -19.72 13.11 -0.03
CA ARG B 235 -18.58 12.50 0.66
C ARG B 235 -17.27 13.03 0.12
N THR B 236 -17.18 13.21 -1.19
CA THR B 236 -15.95 13.74 -1.77
C THR B 236 -15.66 15.16 -1.32
N TRP B 237 -16.70 15.97 -1.35
CA TRP B 237 -16.60 17.36 -0.95
C TRP B 237 -16.16 17.47 0.53
N LEU B 238 -16.80 16.70 1.40
CA LEU B 238 -16.45 16.74 2.82
C LEU B 238 -15.11 16.16 3.20
N ARG B 239 -14.72 15.04 2.61
CA ARG B 239 -13.45 14.46 3.02
C ARG B 239 -12.26 14.86 2.16
N ARG B 240 -12.47 14.94 0.85
CA ARG B 240 -11.36 15.19 -0.08
C ARG B 240 -11.81 16.16 -1.17
N PRO B 241 -12.14 17.40 -0.76
CA PRO B 241 -12.61 18.50 -1.62
C PRO B 241 -11.66 18.84 -2.77
N GLU B 242 -10.38 18.56 -2.57
CA GLU B 242 -9.36 18.85 -3.57
C GLU B 242 -9.57 18.03 -4.84
N LEU B 243 -10.15 16.84 -4.70
CA LEU B 243 -10.42 15.99 -5.85
C LEU B 243 -11.43 16.69 -6.73
N LEU B 244 -12.35 17.41 -6.09
CA LEU B 244 -13.38 18.15 -6.81
C LEU B 244 -12.78 19.25 -7.67
N GLU B 245 -11.71 19.85 -7.16
CA GLU B 245 -11.05 20.93 -7.89
C GLU B 245 -10.57 20.45 -9.27
N GLY B 246 -11.04 21.14 -10.30
CA GLY B 246 -10.70 20.81 -11.68
C GLY B 246 -11.44 19.63 -12.27
N LEU B 247 -12.45 19.13 -11.55
CA LEU B 247 -13.20 17.98 -12.05
C LEU B 247 -14.21 18.44 -13.09
N ALA B 248 -14.54 17.58 -14.06
CA ALA B 248 -15.55 17.97 -15.04
C ALA B 248 -16.85 17.21 -14.81
N LEU B 249 -17.74 17.86 -14.07
CA LEU B 249 -19.03 17.28 -13.72
C LEU B 249 -19.98 17.19 -14.92
N THR B 250 -21.27 17.19 -14.60
CA THR B 250 -22.36 17.22 -15.56
C THR B 250 -23.34 18.17 -14.92
N ASP B 251 -24.36 18.59 -15.66
CA ASP B 251 -25.31 19.52 -15.08
C ASP B 251 -26.00 18.88 -13.87
N GLU B 252 -26.35 17.60 -13.99
CA GLU B 252 -27.01 16.89 -12.91
C GLU B 252 -26.12 16.79 -11.67
N GLN B 253 -24.86 16.45 -11.88
CA GLN B 253 -23.91 16.35 -10.77
C GLN B 253 -23.71 17.70 -10.06
N ARG B 254 -23.67 18.76 -10.85
CA ARG B 254 -23.51 20.09 -10.33
C ARG B 254 -24.70 20.46 -9.44
N LYS B 255 -25.88 20.07 -9.91
CA LYS B 255 -27.13 20.35 -9.19
C LYS B 255 -27.14 19.60 -7.86
N LEU B 256 -26.77 18.32 -7.91
CA LEU B 256 -26.78 17.47 -6.73
C LEU B 256 -25.76 17.90 -5.70
N LEU B 257 -24.61 18.31 -6.19
CA LEU B 257 -23.57 18.80 -5.33
C LEU B 257 -23.99 20.09 -4.63
N LYS B 258 -24.57 21.03 -5.39
CA LYS B 258 -25.04 22.28 -4.79
C LYS B 258 -26.07 21.99 -3.69
N GLU B 259 -26.97 21.04 -3.98
CA GLU B 259 -27.99 20.63 -3.01
C GLU B 259 -27.33 20.06 -1.76
N ALA B 260 -26.30 19.26 -1.96
CA ALA B 260 -25.59 18.62 -0.87
C ALA B 260 -24.85 19.61 0.02
N GLN B 261 -24.24 20.62 -0.61
CA GLN B 261 -23.51 21.68 0.11
C GLN B 261 -24.47 22.50 0.93
N ALA B 262 -25.65 22.73 0.34
CA ALA B 262 -26.68 23.47 1.04
C ALA B 262 -27.12 22.63 2.25
N GLU B 263 -27.81 21.54 1.95
CA GLU B 263 -28.34 20.61 2.96
C GLU B 263 -27.39 20.26 4.09
N HIS B 264 -26.10 20.10 3.80
CA HIS B 264 -25.15 19.76 4.85
C HIS B 264 -25.04 20.86 5.89
N ASN B 265 -25.09 22.11 5.45
CA ASN B 265 -24.96 23.24 6.36
C ASN B 265 -26.16 23.40 7.28
N SER B 266 -27.37 23.39 6.72
CA SER B 266 -28.60 23.55 7.51
C SER B 266 -28.59 22.67 8.77
N SFG D . -16.15 0.38 -2.05
CA SFG D . -15.07 0.60 -1.09
C SFG D . -14.72 2.09 -1.06
O SFG D . -14.38 2.57 0.04
OXT SFG D . -14.79 2.72 -2.15
CB SFG D . -13.82 -0.17 -1.53
CG SFG D . -13.84 -1.62 -1.03
CD SFG D . -12.60 -2.38 -1.52
NE SFG D . -12.76 -2.74 -2.93
C5' SFG D . -12.41 -3.63 -0.67
C4' SFG D . -11.54 -3.29 0.55
O4' SFG D . -10.19 -3.00 0.20
C3' SFG D . -12.01 -2.03 1.26
O3' SFG D . -13.15 -2.35 2.05
C2' SFG D . -10.80 -1.80 2.16
O2' SFG D . -10.87 -2.71 3.26
C1' SFG D . -9.63 -2.18 1.25
N9 SFG D . -9.02 -1.02 0.56
C8 SFG D . -9.18 -0.69 -0.72
N7 SFG D . -8.46 0.38 -1.01
C5 SFG D . -7.83 0.75 0.10
C6 SFG D . -6.97 1.80 0.41
N6 SFG D . -6.62 2.70 -0.52
N1 SFG D . -6.50 1.90 1.66
C2 SFG D . -6.86 1.03 2.59
N3 SFG D . -7.68 0.03 2.33
C4 SFG D . -8.18 -0.13 1.10
N SFG E . 15.01 3.61 2.42
CA SFG E . 15.53 2.63 1.45
C SFG E . 15.69 3.29 0.09
O SFG E . 15.25 2.68 -0.91
OXT SFG E . 16.26 4.40 0.05
CB SFG E . 14.56 1.45 1.36
CG SFG E . 14.50 0.68 2.68
CD SFG E . 13.50 -0.49 2.64
NE SFG E . 13.48 -1.16 3.95
C5' SFG E . 13.92 -1.53 1.58
C4' SFG E . 12.90 -1.54 0.42
O4' SFG E . 11.54 -1.60 0.85
C3' SFG E . 12.91 -0.26 -0.41
O3' SFG E . 14.11 -0.18 -1.18
C2' SFG E . 11.73 -0.64 -1.30
O2' SFG E . 12.09 -1.75 -2.12
C1' SFG E . 10.74 -1.11 -0.23
N9 SFG E . 9.92 0.04 0.21
C8 SFG E . 9.85 0.55 1.44
N7 SFG E . 8.98 1.56 1.47
C5 SFG E . 8.49 1.71 0.25
C6 SFG E . 7.57 2.57 -0.33
N6 SFG E . 6.98 3.53 0.39
N1 SFG E . 7.28 2.44 -1.64
C2 SFG E . 7.86 1.51 -2.37
N3 SFG E . 8.74 0.67 -1.85
C4 SFG E . 9.08 0.74 -0.55
#